data_8BNW
#
_entry.id   8BNW
#
_cell.length_a   35.369
_cell.length_b   118.433
_cell.length_c   141.046
_cell.angle_alpha   90.000
_cell.angle_beta   90.000
_cell.angle_gamma   90.000
#
_symmetry.space_group_name_H-M   'C 2 2 21'
#
loop_
_entity.id
_entity.type
_entity.pdbx_description
1 polymer 'ABC transporter'
2 non-polymer 'NICKEL (II) ION'
3 non-polymer 'SULFATE ION'
4 water water
#
_entity_poly.entity_id   1
_entity_poly.type   'polypeptide(L)'
_entity_poly.pdbx_seq_one_letter_code
;CGNEDNAKNASSSNPKNDSEEITIKHELGETKVKKKPEKVVVFDFGVLDSLDKLGVEVTGVPKANLPSYLEKYKDSKYEN
VGGLMEPDFEKINEIAPDLIIISGRQANSYEKFAEIAPTVYMGIDTKNYIDSFANNMKTLGKIFGKEKEVEKELESINKQ
IEAVKAKAEKTSGKALIVLTTGGKVSAYGPGSRFGIIHDVLGIKPVDANIEVSTHGQSISFEYIAEKNPDYLFVVDRDAV
VAGKPSAKQTIENELVKKTNAYKNNRIIYLNPNYWYLAGGGLISVAEMINEVEKGIE
;
_entity_poly.pdbx_strand_id   A
#
# COMPACT_ATOMS: atom_id res chain seq x y z
N GLU A 20 -21.25 -21.87 10.52
CA GLU A 20 -21.32 -21.11 9.25
C GLU A 20 -19.90 -20.80 8.76
N GLU A 21 -19.12 -21.85 8.47
CA GLU A 21 -17.70 -21.73 8.20
C GLU A 21 -17.40 -21.59 6.72
N ILE A 22 -16.21 -21.05 6.43
CA ILE A 22 -15.53 -21.22 5.16
C ILE A 22 -14.08 -21.52 5.47
N THR A 23 -13.29 -21.92 4.46
CA THR A 23 -11.88 -22.20 4.62
C THR A 23 -11.08 -21.37 3.64
N ILE A 24 -10.12 -20.61 4.18
CA ILE A 24 -9.39 -19.63 3.41
C ILE A 24 -7.98 -20.16 3.27
N LYS A 25 -7.55 -20.31 2.03
CA LYS A 25 -6.19 -20.76 1.73
C LYS A 25 -5.38 -19.53 1.39
N HIS A 26 -4.30 -19.32 2.14
CA HIS A 26 -3.51 -18.11 1.99
C HIS A 26 -2.03 -18.51 2.02
N GLU A 27 -1.16 -17.52 1.93
CA GLU A 27 0.24 -17.76 1.65
C GLU A 27 0.93 -18.41 2.86
N LEU A 28 0.28 -18.46 4.04
CA LEU A 28 0.89 -19.02 5.23
C LEU A 28 0.04 -20.17 5.81
N GLY A 29 -0.90 -20.73 5.05
CA GLY A 29 -1.72 -21.81 5.60
C GLY A 29 -3.16 -21.77 5.12
N GLU A 30 -3.99 -22.59 5.75
CA GLU A 30 -5.42 -22.64 5.44
C GLU A 30 -6.16 -22.35 6.72
N THR A 31 -7.17 -21.47 6.68
CA THR A 31 -7.81 -21.08 7.92
C THR A 31 -9.31 -21.27 7.78
N LYS A 32 -9.89 -21.97 8.76
CA LYS A 32 -11.33 -22.05 8.91
C LYS A 32 -11.84 -20.76 9.57
N VAL A 33 -12.80 -20.09 8.93
CA VAL A 33 -13.36 -18.85 9.42
C VAL A 33 -14.88 -18.88 9.29
N LYS A 34 -15.60 -18.46 10.33
CA LYS A 34 -17.04 -18.30 10.21
C LYS A 34 -17.29 -17.12 9.28
N LYS A 35 -18.28 -17.24 8.38
CA LYS A 35 -18.66 -16.14 7.50
C LYS A 35 -19.22 -15.01 8.32
N LYS A 36 -19.00 -13.77 7.87
CA LYS A 36 -19.42 -12.61 8.62
C LYS A 36 -18.94 -12.72 10.07
N PRO A 37 -17.62 -12.86 10.33
CA PRO A 37 -17.15 -13.03 11.70
C PRO A 37 -17.45 -11.76 12.51
N GLU A 38 -17.84 -11.93 13.77
CA GLU A 38 -18.36 -10.85 14.60
C GLU A 38 -17.23 -9.86 14.95
N LYS A 39 -16.13 -10.36 15.56
CA LYS A 39 -15.02 -9.53 16.04
C LYS A 39 -13.79 -9.69 15.15
N VAL A 40 -13.46 -8.62 14.41
CA VAL A 40 -12.41 -8.62 13.41
C VAL A 40 -11.30 -7.68 13.87
N VAL A 41 -10.07 -8.23 14.00
CA VAL A 41 -8.86 -7.46 14.23
C VAL A 41 -8.05 -7.41 12.94
N VAL A 42 -7.52 -6.22 12.58
CA VAL A 42 -6.90 -5.95 11.28
C VAL A 42 -5.56 -5.21 11.48
N PHE A 43 -4.48 -5.75 10.86
CA PHE A 43 -3.12 -5.22 10.95
C PHE A 43 -2.59 -4.77 9.59
N ASP A 44 -3.48 -4.75 8.59
CA ASP A 44 -3.15 -4.20 7.29
C ASP A 44 -4.11 -3.06 7.03
N PHE A 45 -3.58 -1.93 6.55
CA PHE A 45 -4.36 -0.71 6.44
C PHE A 45 -5.10 -0.66 5.11
N GLY A 46 -4.57 -1.33 4.09
CA GLY A 46 -5.28 -1.61 2.86
C GLY A 46 -6.55 -2.41 3.13
N VAL A 47 -6.41 -3.49 3.88
CA VAL A 47 -7.56 -4.26 4.34
C VAL A 47 -8.53 -3.37 5.12
N LEU A 48 -8.02 -2.59 6.10
CA LEU A 48 -8.90 -1.78 6.92
C LEU A 48 -9.65 -0.78 6.05
N ASP A 49 -8.95 -0.16 5.11
CA ASP A 49 -9.58 0.82 4.22
C ASP A 49 -10.54 0.10 3.25
N SER A 50 -10.24 -1.18 2.94
CA SER A 50 -11.14 -1.99 2.12
C SER A 50 -12.44 -2.26 2.89
N LEU A 51 -12.33 -2.78 4.12
CA LEU A 51 -13.49 -3.06 4.92
C LEU A 51 -14.29 -1.78 5.19
N ASP A 52 -13.58 -0.65 5.34
CA ASP A 52 -14.24 0.63 5.52
C ASP A 52 -15.14 0.90 4.31
N LYS A 53 -14.56 0.81 3.12
CA LYS A 53 -15.28 1.04 1.87
C LYS A 53 -16.51 0.15 1.78
N LEU A 54 -16.41 -1.07 2.30
CA LEU A 54 -17.48 -2.06 2.19
C LEU A 54 -18.43 -1.99 3.39
N GLY A 55 -18.18 -1.09 4.34
CA GLY A 55 -19.09 -0.96 5.46
C GLY A 55 -19.06 -2.17 6.37
N VAL A 56 -17.91 -2.86 6.43
CA VAL A 56 -17.67 -3.90 7.41
C VAL A 56 -17.08 -3.28 8.67
N GLU A 57 -17.66 -3.64 9.82
CA GLU A 57 -17.23 -3.10 11.09
C GLU A 57 -16.06 -3.93 11.59
N VAL A 58 -14.95 -3.27 11.98
CA VAL A 58 -13.83 -3.92 12.63
C VAL A 58 -13.87 -3.55 14.11
N THR A 59 -13.19 -4.37 14.90
CA THR A 59 -13.18 -4.29 16.33
C THR A 59 -11.85 -3.72 16.80
N GLY A 60 -10.74 -4.19 16.24
CA GLY A 60 -9.42 -3.77 16.71
C GLY A 60 -8.50 -3.33 15.58
N VAL A 61 -7.70 -2.28 15.84
CA VAL A 61 -6.72 -1.79 14.89
C VAL A 61 -5.47 -1.32 15.63
N PRO A 62 -4.29 -1.30 14.99
CA PRO A 62 -3.11 -0.74 15.63
C PRO A 62 -3.08 0.78 15.47
N LYS A 63 -3.63 1.47 16.48
CA LYS A 63 -3.99 2.87 16.37
C LYS A 63 -2.75 3.75 16.23
N ALA A 64 -1.59 3.23 16.64
CA ALA A 64 -0.39 4.03 16.76
C ALA A 64 0.16 4.38 15.38
N ASN A 65 -0.15 3.56 14.38
CA ASN A 65 0.31 3.79 13.03
C ASN A 65 -0.81 4.15 12.07
N LEU A 66 -1.99 4.53 12.56
CA LEU A 66 -3.13 4.74 11.68
C LEU A 66 -2.81 5.85 10.67
N PRO A 67 -2.91 5.59 9.35
CA PRO A 67 -2.76 6.64 8.35
C PRO A 67 -3.77 7.78 8.58
N SER A 68 -3.47 8.92 7.97
CA SER A 68 -4.30 10.10 8.10
C SER A 68 -5.71 9.84 7.60
N TYR A 69 -5.84 9.14 6.46
CA TYR A 69 -7.16 8.94 5.86
C TYR A 69 -7.97 7.92 6.64
N LEU A 70 -7.34 7.16 7.54
CA LEU A 70 -8.07 6.25 8.42
C LEU A 70 -8.11 6.73 9.87
N GLU A 71 -8.02 8.06 10.11
CA GLU A 71 -8.00 8.55 11.47
C GLU A 71 -9.28 8.19 12.23
N LYS A 72 -10.39 7.95 11.54
CA LYS A 72 -11.65 7.60 12.18
C LYS A 72 -11.49 6.35 13.07
N TYR A 73 -10.48 5.52 12.82
CA TYR A 73 -10.31 4.29 13.58
C TYR A 73 -9.52 4.53 14.87
N LYS A 74 -9.25 5.80 15.21
CA LYS A 74 -8.70 6.12 16.51
C LYS A 74 -9.81 6.11 17.56
N ASP A 75 -11.05 6.35 17.15
CA ASP A 75 -12.19 6.36 18.03
C ASP A 75 -12.11 5.27 19.11
N SER A 76 -12.74 5.58 20.26
CA SER A 76 -12.72 4.72 21.42
C SER A 76 -13.61 3.50 21.20
N LYS A 77 -14.51 3.52 20.22
CA LYS A 77 -15.30 2.32 19.93
C LYS A 77 -14.42 1.21 19.34
N TYR A 78 -13.23 1.55 18.82
CA TYR A 78 -12.27 0.54 18.36
C TYR A 78 -11.28 0.24 19.47
N GLU A 79 -11.02 -1.07 19.62
CA GLU A 79 -9.97 -1.53 20.50
C GLU A 79 -8.63 -1.19 19.85
N ASN A 80 -7.63 -0.91 20.70
CA ASN A 80 -6.28 -0.65 20.24
C ASN A 80 -5.46 -1.90 20.46
N VAL A 81 -4.96 -2.48 19.36
CA VAL A 81 -4.23 -3.73 19.45
C VAL A 81 -2.75 -3.48 19.20
N GLY A 82 -2.30 -2.22 19.36
CA GLY A 82 -0.88 -1.88 19.44
C GLY A 82 -0.38 -1.16 18.18
N GLY A 83 0.78 -1.59 17.69
CA GLY A 83 1.34 -0.99 16.48
C GLY A 83 1.62 -2.05 15.43
N LEU A 84 1.76 -1.62 14.17
CA LEU A 84 2.04 -2.47 13.02
C LEU A 84 3.15 -3.46 13.34
N MET A 85 4.17 -3.02 14.08
CA MET A 85 5.35 -3.82 14.37
C MET A 85 5.30 -4.32 15.83
N GLU A 86 4.47 -3.71 16.68
CA GLU A 86 4.37 -4.14 18.07
C GLU A 86 2.91 -4.49 18.39
N PRO A 87 2.41 -5.67 17.98
CA PRO A 87 1.06 -6.10 18.37
C PRO A 87 0.90 -6.23 19.88
N ASP A 88 -0.23 -5.76 20.41
CA ASP A 88 -0.57 -5.98 21.80
C ASP A 88 -1.27 -7.33 21.89
N PHE A 89 -0.49 -8.42 22.03
CA PHE A 89 -0.99 -9.79 21.96
C PHE A 89 -1.86 -10.16 23.17
N GLU A 90 -1.57 -9.57 24.33
CA GLU A 90 -2.42 -9.76 25.49
C GLU A 90 -3.80 -9.19 25.17
N LYS A 91 -3.84 -7.97 24.62
CA LYS A 91 -5.14 -7.34 24.37
C LYS A 91 -5.92 -8.17 23.36
N ILE A 92 -5.29 -8.50 22.22
CA ILE A 92 -5.92 -9.32 21.19
C ILE A 92 -6.59 -10.57 21.80
N ASN A 93 -5.92 -11.21 22.77
CA ASN A 93 -6.44 -12.33 23.52
C ASN A 93 -7.70 -11.97 24.31
N GLU A 94 -7.66 -10.83 25.02
CA GLU A 94 -8.79 -10.32 25.81
C GLU A 94 -9.98 -10.13 24.85
N ILE A 95 -9.74 -9.65 23.63
CA ILE A 95 -10.80 -9.38 22.65
C ILE A 95 -11.39 -10.71 22.19
N ALA A 96 -10.57 -11.75 22.07
CA ALA A 96 -11.00 -13.06 21.58
C ALA A 96 -11.62 -12.91 20.20
N PRO A 97 -10.88 -12.47 19.15
CA PRO A 97 -11.50 -12.18 17.87
C PRO A 97 -11.83 -13.45 17.08
N ASP A 98 -12.79 -13.30 16.17
CA ASP A 98 -13.21 -14.37 15.27
C ASP A 98 -12.31 -14.43 14.05
N LEU A 99 -11.64 -13.30 13.74
CA LEU A 99 -10.75 -13.24 12.60
C LEU A 99 -9.69 -12.17 12.83
N ILE A 100 -8.41 -12.56 12.69
CA ILE A 100 -7.30 -11.62 12.62
C ILE A 100 -6.78 -11.60 11.18
N ILE A 101 -6.52 -10.40 10.65
CA ILE A 101 -5.97 -10.26 9.30
C ILE A 101 -4.67 -9.47 9.36
N ILE A 102 -3.59 -10.05 8.79
CA ILE A 102 -2.24 -9.51 8.85
C ILE A 102 -1.66 -9.39 7.44
N SER A 103 -0.55 -8.66 7.32
CA SER A 103 0.16 -8.61 6.05
C SER A 103 1.66 -8.81 6.30
N GLY A 104 2.49 -8.40 5.34
CA GLY A 104 3.91 -8.70 5.35
C GLY A 104 4.58 -8.31 6.64
N ARG A 105 4.22 -7.15 7.18
CA ARG A 105 4.90 -6.62 8.35
C ARG A 105 4.82 -7.64 9.51
N GLN A 106 3.72 -8.41 9.59
CA GLN A 106 3.51 -9.32 10.71
C GLN A 106 3.69 -10.79 10.31
N ALA A 107 4.22 -11.05 9.11
CA ALA A 107 4.33 -12.41 8.58
C ALA A 107 5.03 -13.35 9.58
N ASN A 108 6.03 -12.82 10.29
CA ASN A 108 6.84 -13.62 11.18
C ASN A 108 6.14 -13.94 12.50
N SER A 109 5.01 -13.26 12.77
CA SER A 109 4.24 -13.49 13.99
C SER A 109 3.01 -14.35 13.71
N TYR A 110 2.91 -14.92 12.51
CA TYR A 110 1.72 -15.66 12.12
C TYR A 110 1.28 -16.64 13.21
N GLU A 111 2.24 -17.43 13.72
CA GLU A 111 1.97 -18.48 14.69
C GLU A 111 1.34 -17.87 15.93
N LYS A 112 1.92 -16.75 16.39
CA LYS A 112 1.48 -16.11 17.62
C LYS A 112 0.04 -15.65 17.49
N PHE A 113 -0.33 -15.17 16.29
CA PHE A 113 -1.68 -14.72 16.01
C PHE A 113 -2.63 -15.90 15.86
N ALA A 114 -2.19 -16.93 15.10
CA ALA A 114 -2.93 -18.15 14.83
C ALA A 114 -3.28 -18.91 16.11
N GLU A 115 -2.40 -18.83 17.14
CA GLU A 115 -2.63 -19.41 18.45
C GLU A 115 -3.83 -18.75 19.12
N ILE A 116 -4.11 -17.49 18.76
CA ILE A 116 -5.13 -16.71 19.45
C ILE A 116 -6.46 -16.91 18.75
N ALA A 117 -6.44 -16.83 17.42
CA ALA A 117 -7.66 -16.82 16.63
C ALA A 117 -7.31 -17.12 15.19
N PRO A 118 -8.31 -17.42 14.33
CA PRO A 118 -8.07 -17.64 12.90
C PRO A 118 -7.37 -16.41 12.32
N THR A 119 -6.18 -16.63 11.75
CA THR A 119 -5.39 -15.57 11.14
C THR A 119 -5.24 -15.85 9.65
N VAL A 120 -5.74 -14.91 8.84
CA VAL A 120 -5.57 -14.90 7.39
C VAL A 120 -4.46 -13.89 7.04
N TYR A 121 -3.47 -14.33 6.25
CA TYR A 121 -2.41 -13.46 5.77
C TYR A 121 -2.77 -12.95 4.39
N MET A 122 -2.54 -11.65 4.16
CA MET A 122 -2.88 -11.02 2.89
C MET A 122 -1.73 -10.12 2.47
N GLY A 123 -1.15 -10.47 1.32
CA GLY A 123 0.00 -9.75 0.79
C GLY A 123 -0.23 -9.36 -0.65
N ILE A 124 0.57 -8.40 -1.11
CA ILE A 124 0.60 -8.05 -2.52
C ILE A 124 1.85 -8.71 -3.11
N ASP A 125 1.63 -9.64 -4.03
CA ASP A 125 2.67 -10.09 -4.94
C ASP A 125 2.95 -8.95 -5.91
N THR A 126 4.13 -8.32 -5.78
CA THR A 126 4.48 -7.14 -6.57
C THR A 126 4.84 -7.49 -8.03
N LYS A 127 4.97 -8.77 -8.39
CA LYS A 127 5.07 -9.16 -9.79
C LYS A 127 3.69 -9.16 -10.44
N ASN A 128 2.65 -9.12 -9.60
CA ASN A 128 1.28 -9.34 -10.02
C ASN A 128 0.42 -8.49 -9.11
N TYR A 129 0.71 -7.19 -9.10
CA TYR A 129 0.08 -6.30 -8.15
C TYR A 129 -1.44 -6.46 -8.25
N ILE A 130 -1.99 -6.28 -9.45
CA ILE A 130 -3.43 -6.15 -9.57
C ILE A 130 -4.12 -7.48 -9.30
N ASP A 131 -3.51 -8.58 -9.73
CA ASP A 131 -4.12 -9.89 -9.50
C ASP A 131 -4.13 -10.21 -8.00
N SER A 132 -3.04 -9.93 -7.30
CA SER A 132 -2.99 -10.21 -5.87
C SER A 132 -4.00 -9.32 -5.15
N PHE A 133 -3.96 -8.02 -5.48
CA PHE A 133 -4.93 -7.06 -4.98
C PHE A 133 -6.35 -7.62 -5.14
N ALA A 134 -6.74 -8.04 -6.35
CA ALA A 134 -8.09 -8.51 -6.63
C ALA A 134 -8.47 -9.74 -5.81
N ASN A 135 -7.55 -10.69 -5.69
CA ASN A 135 -7.78 -11.90 -4.91
C ASN A 135 -7.99 -11.56 -3.44
N ASN A 136 -7.16 -10.63 -2.94
CA ASN A 136 -7.31 -10.18 -1.57
C ASN A 136 -8.74 -9.70 -1.36
N MET A 137 -9.20 -8.79 -2.23
CA MET A 137 -10.50 -8.16 -2.06
C MET A 137 -11.61 -9.19 -2.17
N LYS A 138 -11.48 -10.09 -3.16
CA LYS A 138 -12.46 -11.14 -3.36
C LYS A 138 -12.57 -12.04 -2.13
N THR A 139 -11.43 -12.36 -1.50
CA THR A 139 -11.41 -13.11 -0.25
C THR A 139 -12.19 -12.36 0.84
N LEU A 140 -12.02 -11.02 0.92
CA LEU A 140 -12.82 -10.21 1.84
C LEU A 140 -14.30 -10.33 1.46
N GLY A 141 -14.59 -10.23 0.15
CA GLY A 141 -15.92 -10.47 -0.40
C GLY A 141 -16.55 -11.78 0.10
N LYS A 142 -15.76 -12.85 0.18
CA LYS A 142 -16.27 -14.15 0.61
C LYS A 142 -16.52 -14.20 2.11
N ILE A 143 -15.52 -13.78 2.91
CA ILE A 143 -15.63 -13.85 4.37
C ILE A 143 -16.86 -13.08 4.86
N PHE A 144 -17.16 -11.94 4.21
CA PHE A 144 -18.08 -10.95 4.76
C PHE A 144 -19.35 -10.83 3.96
N GLY A 145 -19.47 -11.58 2.85
CA GLY A 145 -20.68 -11.59 2.06
C GLY A 145 -20.82 -10.33 1.22
N LYS A 146 -19.73 -9.92 0.56
CA LYS A 146 -19.64 -8.63 -0.09
C LYS A 146 -19.11 -8.79 -1.50
N GLU A 147 -19.47 -9.93 -2.10
CA GLU A 147 -18.93 -10.32 -3.38
C GLU A 147 -19.27 -9.26 -4.42
N LYS A 148 -20.55 -8.87 -4.52
CA LYS A 148 -21.00 -7.90 -5.51
C LYS A 148 -20.38 -6.53 -5.29
N GLU A 149 -20.46 -6.04 -4.05
CA GLU A 149 -19.80 -4.80 -3.64
C GLU A 149 -18.34 -4.74 -4.10
N VAL A 150 -17.58 -5.79 -3.76
CA VAL A 150 -16.17 -5.87 -4.10
C VAL A 150 -15.93 -5.79 -5.61
N GLU A 151 -16.77 -6.52 -6.34
CA GLU A 151 -16.74 -6.58 -7.80
C GLU A 151 -16.90 -5.16 -8.38
N LYS A 152 -17.96 -4.47 -7.93
CA LYS A 152 -18.26 -3.11 -8.35
C LYS A 152 -17.06 -2.18 -8.11
N GLU A 153 -16.42 -2.28 -6.95
CA GLU A 153 -15.27 -1.44 -6.66
C GLU A 153 -14.07 -1.85 -7.52
N LEU A 154 -13.90 -3.16 -7.74
CA LEU A 154 -12.79 -3.60 -8.59
C LEU A 154 -12.99 -3.07 -10.02
N GLU A 155 -14.25 -2.97 -10.45
CA GLU A 155 -14.56 -2.49 -11.81
C GLU A 155 -14.29 -1.01 -11.95
N SER A 156 -14.54 -0.23 -10.88
CA SER A 156 -14.20 1.19 -10.88
C SER A 156 -12.69 1.38 -11.00
N ILE A 157 -11.93 0.55 -10.30
CA ILE A 157 -10.48 0.70 -10.34
C ILE A 157 -9.98 0.21 -11.70
N ASN A 158 -10.69 -0.75 -12.31
CA ASN A 158 -10.41 -1.14 -13.69
C ASN A 158 -10.59 0.05 -14.63
N LYS A 159 -11.72 0.76 -14.53
CA LYS A 159 -11.96 1.90 -15.41
C LYS A 159 -10.90 2.97 -15.18
N GLN A 160 -10.77 3.37 -13.93
CA GLN A 160 -9.76 4.34 -13.50
C GLN A 160 -8.40 4.02 -14.15
N ILE A 161 -7.98 2.75 -14.10
CA ILE A 161 -6.71 2.32 -14.68
C ILE A 161 -6.67 2.57 -16.19
N GLU A 162 -7.73 2.14 -16.91
CA GLU A 162 -7.83 2.29 -18.35
C GLU A 162 -7.60 3.76 -18.73
N ALA A 163 -8.40 4.65 -18.15
CA ALA A 163 -8.35 6.07 -18.42
C ALA A 163 -6.92 6.60 -18.27
N VAL A 164 -6.22 6.16 -17.21
CA VAL A 164 -4.92 6.71 -16.86
C VAL A 164 -3.83 6.10 -17.75
N LYS A 165 -4.06 4.88 -18.26
CA LYS A 165 -3.15 4.25 -19.20
C LYS A 165 -3.17 4.98 -20.53
N ALA A 166 -4.38 5.36 -20.97
CA ALA A 166 -4.58 6.06 -22.22
C ALA A 166 -3.76 7.35 -22.24
N LYS A 167 -3.76 8.07 -21.11
CA LYS A 167 -3.03 9.32 -20.97
C LYS A 167 -1.53 9.03 -20.92
N ALA A 168 -1.16 7.92 -20.25
CA ALA A 168 0.24 7.55 -20.14
C ALA A 168 0.82 7.25 -21.52
N GLU A 169 0.01 6.67 -22.41
CA GLU A 169 0.49 6.25 -23.72
C GLU A 169 0.32 7.38 -24.75
N LYS A 170 -0.18 8.54 -24.30
CA LYS A 170 -0.22 9.74 -25.11
C LYS A 170 0.97 10.65 -24.77
N THR A 171 2.05 10.04 -24.27
CA THR A 171 3.33 10.73 -24.14
C THR A 171 4.44 9.70 -23.95
N SER A 172 5.57 9.95 -24.64
CA SER A 172 6.86 9.47 -24.19
C SER A 172 7.25 10.31 -22.98
N GLY A 173 8.28 9.89 -22.27
CA GLY A 173 8.53 10.37 -20.92
C GLY A 173 8.73 9.18 -19.99
N LYS A 174 9.83 9.23 -19.23
CA LYS A 174 10.26 8.09 -18.43
C LYS A 174 10.25 8.50 -16.96
N ALA A 175 9.56 7.68 -16.15
CA ALA A 175 9.42 7.94 -14.73
C ALA A 175 10.56 7.27 -13.96
N LEU A 176 10.97 7.89 -12.86
CA LEU A 176 11.73 7.19 -11.84
C LEU A 176 11.03 7.37 -10.51
N ILE A 177 10.90 6.25 -9.78
CA ILE A 177 10.27 6.27 -8.46
C ILE A 177 11.35 6.09 -7.39
N VAL A 178 11.32 6.96 -6.38
CA VAL A 178 12.31 6.96 -5.32
C VAL A 178 11.62 7.06 -3.96
N LEU A 179 12.35 6.66 -2.90
CA LEU A 179 11.94 6.84 -1.52
C LEU A 179 13.05 7.61 -0.80
N THR A 180 12.69 8.34 0.27
CA THR A 180 13.64 9.08 1.09
C THR A 180 13.43 8.84 2.59
N THR A 181 14.46 8.28 3.25
CA THR A 181 14.62 8.37 4.70
C THR A 181 15.82 9.28 5.00
N GLY A 182 15.56 10.37 5.72
CA GLY A 182 16.59 11.27 6.23
C GLY A 182 17.82 11.34 5.32
N GLY A 183 17.72 12.13 4.24
CA GLY A 183 18.80 12.29 3.29
C GLY A 183 18.86 11.14 2.29
N LYS A 184 18.99 9.91 2.81
CA LYS A 184 19.12 8.70 2.01
C LYS A 184 18.05 8.66 0.91
N VAL A 185 18.37 7.99 -0.20
CA VAL A 185 17.47 7.88 -1.34
C VAL A 185 17.65 6.48 -1.94
N SER A 186 16.56 5.87 -2.42
CA SER A 186 16.59 4.55 -3.04
C SER A 186 15.57 4.43 -4.17
N ALA A 187 15.65 3.34 -4.95
CA ALA A 187 15.07 3.27 -6.29
C ALA A 187 14.11 2.08 -6.45
N TYR A 188 13.00 2.34 -7.18
CA TYR A 188 11.98 1.33 -7.46
C TYR A 188 11.59 1.34 -8.93
N GLY A 189 11.39 0.13 -9.48
CA GLY A 189 11.14 -0.04 -10.90
C GLY A 189 10.04 -1.07 -11.15
N PRO A 190 9.88 -1.56 -12.40
CA PRO A 190 8.95 -2.65 -12.68
C PRO A 190 9.00 -3.76 -11.63
N GLY A 191 7.83 -4.16 -11.13
CA GLY A 191 7.67 -5.28 -10.22
C GLY A 191 8.27 -5.06 -8.83
N SER A 192 8.37 -3.81 -8.38
CA SER A 192 8.73 -3.47 -7.02
C SER A 192 7.46 -3.12 -6.23
N ARG A 193 7.61 -2.61 -5.00
CA ARG A 193 6.46 -2.27 -4.18
C ARG A 193 5.70 -1.07 -4.78
N PHE A 194 6.39 -0.21 -5.52
CA PHE A 194 5.77 0.97 -6.13
C PHE A 194 5.66 0.84 -7.64
N GLY A 195 5.98 -0.33 -8.18
CA GLY A 195 6.04 -0.56 -9.61
C GLY A 195 4.69 -0.48 -10.33
N ILE A 196 3.58 -0.35 -9.59
CA ILE A 196 2.26 -0.15 -10.15
C ILE A 196 2.26 0.99 -11.17
N ILE A 197 3.08 2.01 -10.93
CA ILE A 197 3.25 3.14 -11.85
C ILE A 197 3.63 2.65 -13.24
N HIS A 198 4.55 1.67 -13.32
CA HIS A 198 5.04 1.14 -14.58
C HIS A 198 4.22 -0.07 -15.04
N ASP A 199 4.03 -1.03 -14.13
CA ASP A 199 3.53 -2.35 -14.49
C ASP A 199 2.06 -2.29 -14.88
N VAL A 200 1.33 -1.27 -14.41
CA VAL A 200 -0.12 -1.27 -14.49
C VAL A 200 -0.64 0.00 -15.17
N LEU A 201 0.05 1.13 -14.99
CA LEU A 201 -0.47 2.42 -15.39
C LEU A 201 0.21 2.97 -16.64
N GLY A 202 1.12 2.19 -17.25
CA GLY A 202 1.64 2.48 -18.58
C GLY A 202 2.73 3.55 -18.64
N ILE A 203 3.30 3.93 -17.48
CA ILE A 203 4.41 4.87 -17.45
C ILE A 203 5.70 4.11 -17.74
N LYS A 204 6.46 4.60 -18.73
CA LYS A 204 7.71 3.97 -19.12
C LYS A 204 8.74 4.24 -18.04
N PRO A 205 9.55 3.22 -17.64
CA PRO A 205 10.60 3.42 -16.64
C PRO A 205 11.85 4.06 -17.22
N VAL A 206 12.50 4.88 -16.39
CA VAL A 206 13.87 5.31 -16.64
C VAL A 206 14.78 4.09 -16.68
N ASP A 207 14.59 3.21 -15.69
CA ASP A 207 15.44 2.05 -15.48
C ASP A 207 14.53 0.88 -15.12
N ALA A 208 14.51 -0.15 -15.98
CA ALA A 208 13.63 -1.30 -15.79
C ALA A 208 14.43 -2.50 -15.29
N ASN A 209 15.56 -2.26 -14.61
CA ASN A 209 16.40 -3.33 -14.11
C ASN A 209 16.79 -3.09 -12.65
N ILE A 210 16.08 -2.16 -11.97
CA ILE A 210 16.39 -1.82 -10.59
C ILE A 210 16.27 -3.09 -9.75
N GLU A 211 17.12 -3.21 -8.72
CA GLU A 211 16.97 -4.30 -7.76
C GLU A 211 15.57 -4.20 -7.15
N VAL A 212 14.83 -5.31 -7.23
CA VAL A 212 13.59 -5.46 -6.50
C VAL A 212 13.91 -5.95 -5.08
N SER A 213 14.15 -5.00 -4.18
CA SER A 213 13.82 -5.18 -2.78
C SER A 213 12.63 -4.28 -2.49
N THR A 214 12.09 -4.38 -1.26
CA THR A 214 10.98 -3.54 -0.85
C THR A 214 11.45 -2.51 0.18
N HIS A 215 12.76 -2.24 0.22
CA HIS A 215 13.27 -0.89 0.48
C HIS A 215 14.21 -0.49 -0.65
N GLY A 216 14.41 -1.39 -1.63
CA GLY A 216 14.83 -1.01 -2.96
C GLY A 216 16.34 -0.76 -3.05
N GLN A 217 16.86 -0.84 -4.28
CA GLN A 217 18.23 -0.45 -4.59
C GLN A 217 18.51 0.96 -4.08
N SER A 218 19.60 1.14 -3.31
CA SER A 218 20.03 2.45 -2.85
C SER A 218 20.72 3.18 -4.01
N ILE A 219 20.63 4.52 -4.00
CA ILE A 219 21.22 5.37 -5.03
C ILE A 219 21.49 6.75 -4.43
N SER A 220 22.37 7.53 -5.08
CA SER A 220 22.49 8.95 -4.79
C SER A 220 22.18 9.75 -6.05
N PHE A 221 22.57 11.03 -6.02
CA PHE A 221 21.97 12.05 -6.86
C PHE A 221 22.59 12.03 -8.26
N GLU A 222 23.73 11.36 -8.40
CA GLU A 222 24.44 11.26 -9.67
C GLU A 222 23.76 10.23 -10.58
N TYR A 223 23.06 9.26 -9.97
CA TYR A 223 22.32 8.24 -10.71
C TYR A 223 21.05 8.84 -11.30
N ILE A 224 20.41 9.75 -10.54
CA ILE A 224 19.20 10.42 -10.99
C ILE A 224 19.52 11.30 -12.19
N ALA A 225 20.54 12.17 -12.02
CA ALA A 225 20.96 13.09 -13.06
C ALA A 225 21.24 12.35 -14.37
N GLU A 226 22.04 11.28 -14.31
CA GLU A 226 22.50 10.62 -15.54
C GLU A 226 21.36 9.84 -16.20
N LYS A 227 20.55 9.14 -15.40
CA LYS A 227 19.37 8.47 -15.93
C LYS A 227 18.39 9.51 -16.46
N ASN A 228 18.35 10.66 -15.78
CA ASN A 228 17.67 11.87 -16.23
C ASN A 228 16.20 11.59 -16.49
N PRO A 229 15.37 11.47 -15.44
CA PRO A 229 13.94 11.21 -15.60
C PRO A 229 13.14 12.47 -15.93
N ASP A 230 12.01 12.28 -16.60
CA ASP A 230 11.07 13.35 -16.90
C ASP A 230 10.09 13.51 -15.74
N TYR A 231 9.70 12.37 -15.13
CA TYR A 231 8.92 12.36 -13.89
C TYR A 231 9.72 11.66 -12.80
N LEU A 232 9.85 12.35 -11.65
CA LEU A 232 10.41 11.73 -10.47
C LEU A 232 9.32 11.65 -9.40
N PHE A 233 8.82 10.43 -9.18
CA PHE A 233 7.86 10.17 -8.13
C PHE A 233 8.61 9.96 -6.80
N VAL A 234 8.21 10.68 -5.75
CA VAL A 234 8.87 10.62 -4.45
C VAL A 234 7.90 10.20 -3.35
N VAL A 235 8.41 9.39 -2.40
CA VAL A 235 7.66 8.94 -1.23
C VAL A 235 8.43 9.31 0.03
N ASP A 236 7.90 10.24 0.82
CA ASP A 236 8.57 10.77 2.00
C ASP A 236 8.30 9.86 3.19
N ARG A 237 9.19 8.88 3.41
CA ARG A 237 9.03 7.90 4.47
C ARG A 237 9.01 8.58 5.84
N ASP A 238 9.94 9.50 6.08
CA ASP A 238 10.10 10.12 7.39
C ASP A 238 8.93 11.04 7.72
N ALA A 239 8.17 11.47 6.72
CA ALA A 239 6.93 12.19 6.96
C ALA A 239 6.08 11.38 7.94
N VAL A 240 5.85 10.10 7.64
CA VAL A 240 4.97 9.26 8.43
C VAL A 240 5.75 8.61 9.58
N VAL A 241 6.85 7.90 9.28
CA VAL A 241 7.52 6.99 10.22
C VAL A 241 8.26 7.76 11.33
N ALA A 242 8.75 8.97 11.05
CA ALA A 242 9.40 9.78 12.06
C ALA A 242 8.48 10.91 12.53
N GLY A 243 7.44 11.22 11.73
CA GLY A 243 6.53 12.31 12.04
C GLY A 243 7.04 13.67 11.58
N LYS A 244 8.15 13.70 10.82
CA LYS A 244 8.73 14.94 10.35
C LYS A 244 8.99 14.83 8.84
N PRO A 245 8.18 15.52 7.99
CA PRO A 245 8.39 15.54 6.53
C PRO A 245 9.77 16.10 6.17
N SER A 246 10.48 15.43 5.25
CA SER A 246 11.87 15.74 4.98
C SER A 246 12.30 15.48 3.53
N ALA A 247 11.33 15.31 2.62
CA ALA A 247 11.62 14.76 1.30
C ALA A 247 12.05 15.84 0.31
N LYS A 248 11.43 17.02 0.39
CA LYS A 248 11.72 18.10 -0.53
C LYS A 248 13.14 18.62 -0.26
N GLN A 249 13.37 19.03 0.99
CA GLN A 249 14.69 19.40 1.49
C GLN A 249 15.74 18.55 0.79
N THR A 250 15.56 17.23 0.87
CA THR A 250 16.50 16.23 0.39
C THR A 250 16.60 16.18 -1.13
N ILE A 251 15.46 16.07 -1.82
CA ILE A 251 15.44 15.79 -3.25
C ILE A 251 15.76 17.05 -4.04
N GLU A 252 15.13 18.17 -3.68
CA GLU A 252 15.34 19.42 -4.39
C GLU A 252 16.66 20.04 -3.92
N ASN A 253 17.71 19.75 -4.69
CA ASN A 253 19.02 20.32 -4.47
C ASN A 253 19.78 20.25 -5.79
N GLU A 254 20.88 21.01 -5.85
CA GLU A 254 21.75 21.12 -7.01
C GLU A 254 21.79 19.79 -7.79
N LEU A 255 22.16 18.71 -7.09
CA LEU A 255 22.49 17.44 -7.72
C LEU A 255 21.32 16.88 -8.54
N VAL A 256 20.09 17.34 -8.27
CA VAL A 256 18.89 16.87 -8.96
C VAL A 256 18.20 18.02 -9.71
N LYS A 257 18.48 19.28 -9.33
CA LYS A 257 17.66 20.42 -9.74
C LYS A 257 17.71 20.70 -11.24
N LYS A 258 18.70 20.19 -11.97
CA LYS A 258 18.66 20.27 -13.42
C LYS A 258 18.58 18.86 -14.00
N THR A 259 17.52 18.15 -13.60
CA THR A 259 16.92 17.09 -14.41
C THR A 259 15.65 17.70 -15.02
N ASN A 260 15.10 17.03 -16.05
CA ASN A 260 13.90 17.52 -16.74
C ASN A 260 12.75 17.65 -15.76
N ALA A 261 12.65 16.62 -14.89
CA ALA A 261 11.60 16.51 -13.89
C ALA A 261 11.48 17.81 -13.09
N TYR A 262 12.60 18.28 -12.51
CA TYR A 262 12.60 19.49 -11.70
C TYR A 262 12.05 20.66 -12.51
N LYS A 263 12.45 20.74 -13.79
CA LYS A 263 12.21 21.89 -14.63
C LYS A 263 10.73 21.98 -14.99
N ASN A 264 10.17 20.90 -15.55
CA ASN A 264 8.77 20.92 -15.98
C ASN A 264 7.82 20.81 -14.78
N ASN A 265 8.37 20.88 -13.56
CA ASN A 265 7.59 20.82 -12.33
C ASN A 265 6.86 19.48 -12.28
N ARG A 266 7.64 18.39 -12.34
CA ARG A 266 7.10 17.04 -12.42
C ARG A 266 7.83 16.12 -11.44
N ILE A 267 8.17 16.67 -10.26
CA ILE A 267 8.56 15.88 -9.10
C ILE A 267 7.31 15.74 -8.23
N ILE A 268 6.73 14.54 -8.25
CA ILE A 268 5.41 14.30 -7.67
C ILE A 268 5.63 13.61 -6.33
N TYR A 269 5.20 14.30 -5.27
CA TYR A 269 5.38 13.82 -3.91
C TYR A 269 4.16 13.01 -3.49
N LEU A 270 4.28 11.67 -3.63
CA LEU A 270 3.18 10.75 -3.42
C LEU A 270 2.86 10.61 -1.92
N ASN A 271 1.58 10.76 -1.57
CA ASN A 271 1.16 10.74 -0.17
C ASN A 271 1.61 9.43 0.49
N PRO A 272 2.54 9.48 1.46
CA PRO A 272 3.07 8.26 2.09
C PRO A 272 2.06 7.50 2.96
N ASN A 273 0.99 8.19 3.39
CA ASN A 273 -0.10 7.55 4.10
C ASN A 273 -0.85 6.53 3.24
N TYR A 274 -0.74 6.63 1.90
CA TYR A 274 -1.28 5.61 1.02
C TYR A 274 -0.17 4.68 0.54
N TRP A 275 0.94 5.27 0.12
CA TRP A 275 1.98 4.55 -0.60
C TRP A 275 2.88 3.73 0.33
N TYR A 276 3.21 4.25 1.52
CA TYR A 276 4.11 3.58 2.44
C TYR A 276 3.35 2.84 3.54
N LEU A 277 2.35 3.49 4.15
CA LEU A 277 1.67 2.94 5.30
C LEU A 277 0.59 1.95 4.89
N ALA A 278 -0.07 2.15 3.74
CA ALA A 278 -1.24 1.37 3.37
C ALA A 278 -1.08 0.86 1.93
N GLY A 279 -2.12 1.01 1.10
CA GLY A 279 -2.09 0.43 -0.23
C GLY A 279 -2.63 -1.00 -0.24
N GLY A 280 -2.92 -1.50 -1.44
CA GLY A 280 -3.55 -2.81 -1.61
C GLY A 280 -4.99 -2.82 -1.10
N GLY A 281 -5.64 -1.65 -1.04
CA GLY A 281 -7.02 -1.57 -0.59
C GLY A 281 -7.83 -0.77 -1.59
N LEU A 282 -9.16 -0.89 -1.48
CA LEU A 282 -10.09 -0.30 -2.43
C LEU A 282 -9.81 1.19 -2.51
N ILE A 283 -9.81 1.81 -1.33
CA ILE A 283 -9.61 3.24 -1.21
C ILE A 283 -8.17 3.61 -1.56
N SER A 284 -7.15 2.91 -1.02
CA SER A 284 -5.77 3.36 -1.17
C SER A 284 -5.27 3.19 -2.60
N VAL A 285 -5.74 2.13 -3.29
CA VAL A 285 -5.35 1.86 -4.66
C VAL A 285 -6.01 2.90 -5.56
N ALA A 286 -7.30 3.11 -5.38
CA ALA A 286 -8.01 4.17 -6.08
C ALA A 286 -7.30 5.50 -5.89
N GLU A 287 -7.02 5.83 -4.64
CA GLU A 287 -6.38 7.10 -4.32
C GLU A 287 -4.97 7.16 -4.93
N MET A 288 -4.27 6.04 -4.89
CA MET A 288 -2.90 6.01 -5.38
C MET A 288 -2.89 6.32 -6.88
N ILE A 289 -3.83 5.74 -7.62
CA ILE A 289 -3.90 5.88 -9.08
C ILE A 289 -4.24 7.33 -9.42
N ASN A 290 -4.98 7.98 -8.51
CA ASN A 290 -5.35 9.37 -8.66
C ASN A 290 -4.13 10.30 -8.60
N GLU A 291 -3.25 10.08 -7.61
CA GLU A 291 -2.05 10.90 -7.48
C GLU A 291 -1.17 10.78 -8.73
N VAL A 292 -1.16 9.59 -9.35
CA VAL A 292 -0.37 9.34 -10.55
C VAL A 292 -0.99 10.07 -11.74
N GLU A 293 -2.31 9.98 -11.90
CA GLU A 293 -3.02 10.64 -12.98
C GLU A 293 -2.69 12.12 -12.98
N LYS A 294 -2.85 12.77 -11.81
CA LYS A 294 -2.64 14.20 -11.69
C LYS A 294 -1.17 14.53 -11.99
N GLY A 295 -0.26 13.63 -11.60
CA GLY A 295 1.17 13.84 -11.78
C GLY A 295 1.62 13.75 -13.24
N ILE A 296 0.70 13.33 -14.13
CA ILE A 296 1.00 13.33 -15.56
C ILE A 296 -0.05 14.15 -16.33
N GLU A 297 -1.05 14.72 -15.63
CA GLU A 297 -1.89 15.76 -16.20
C GLU A 297 -1.05 17.04 -16.29
#